data_9IK6
#
_entry.id   9IK6
#
_cell.length_a   59.965
_cell.length_b   88.964
_cell.length_c   60.447
_cell.angle_alpha   90.00
_cell.angle_beta   104.11
_cell.angle_gamma   90.00
#
_symmetry.space_group_name_H-M   'P 1 21 1'
#
loop_
_entity.id
_entity.type
_entity.pdbx_description
1 polymer Albumin
2 non-polymer "3,5,3',5'-TETRAIODO-L-THYRONINE"
3 water water
#
_entity_poly.entity_id   1
_entity_poly.type   'polypeptide(L)'
_entity_poly.pdbx_seq_one_letter_code
;DAHKSEVAHRFKDLGEENFKALVLIAFAQYLQQCPFEDHVKLVNEVTEFAKTCVADESAENCDKSLHTLFGDKLCTVATL
RETYGEMADCCAKQEPERNECFLQHKDDNPNLPRLVRPEVDVMCTAFHDNEETFLKKYLYEIARRHPYFYAPELLFFAKR
YKAAFTECCQAADKAACLLPKLDELRDEGKASSAKQRLKCASLQKFGERAFKAWAVARLSQRFPKAEFAEVSKLVTDLTK
VHTECCHGDLLECADDRADLAKYICENQDSISSKLKECCEKPLLEKSHCIAEVENDEMPADLPSLAADFVESKDVCKNYA
EAKDVFLGMFLYEYARRHPDYSVVLLLRLAKTYETTLEKCCAAADPHECYAKVFDEFKPLVEEPQNLIKQNCELFEQLGE
YKFQNALLVRYTKKVPQVSTPTLVEVSRNLGKVGSKCCKHPEAKRMPCAEDYLSVVLNQLCVLHEKTPVSDRVTKCCTES
LVNRRPCFSALEVDETYVPKEFNAETFTFHADICTLSEKERQIKKQTALVELVKHKPKATKEQLKAVMDDFAAFVEKCCK
ADDKETCFAEEGKKLVAASQAALGL
;
_entity_poly.pdbx_strand_id   A
#
loop_
_chem_comp.id
_chem_comp.type
_chem_comp.name
_chem_comp.formula
T44 non-polymer 3,5,3',5'-TETRAIODO-L-THYRONINE 'C15 H11 I4 N O4'
#
# COMPACT_ATOMS: atom_id res chain seq x y z
N LYS A 4 -16.92 18.30 -26.01
CA LYS A 4 -16.39 18.05 -27.36
C LYS A 4 -14.89 17.71 -27.32
N SER A 5 -14.20 18.21 -26.29
CA SER A 5 -12.75 18.03 -26.12
C SER A 5 -12.46 17.60 -24.68
N GLU A 6 -11.86 16.44 -24.52
CA GLU A 6 -11.69 15.99 -23.16
C GLU A 6 -10.46 16.62 -22.49
N VAL A 7 -9.38 16.89 -23.25
CA VAL A 7 -8.25 17.61 -22.66
C VAL A 7 -8.68 19.02 -22.20
N ALA A 8 -9.59 19.68 -22.95
CA ALA A 8 -10.05 21.00 -22.47
C ALA A 8 -10.94 20.89 -21.21
N HIS A 9 -11.88 19.92 -21.19
CA HIS A 9 -12.72 19.66 -19.99
C HIS A 9 -11.89 19.53 -18.70
N ARG A 10 -10.84 18.70 -18.72
CA ARG A 10 -10.04 18.50 -17.51
C ARG A 10 -9.17 19.71 -17.16
N PHE A 11 -8.65 20.44 -18.16
CA PHE A 11 -7.91 21.67 -17.92
C PHE A 11 -8.79 22.71 -17.23
N LYS A 12 -10.04 22.86 -17.70
CA LYS A 12 -10.94 23.82 -17.04
C LYS A 12 -11.31 23.40 -15.62
N ASP A 13 -11.61 22.11 -15.39
CA ASP A 13 -12.04 21.67 -14.06
C ASP A 13 -10.92 21.75 -13.03
N LEU A 14 -9.68 21.34 -13.41
CA LEU A 14 -8.59 21.20 -12.44
C LEU A 14 -7.73 22.46 -12.28
N GLY A 15 -7.69 23.32 -13.29
CA GLY A 15 -6.77 24.48 -13.30
C GLY A 15 -5.39 24.10 -13.80
N GLU A 16 -4.66 25.10 -14.32
CA GLU A 16 -3.39 24.86 -15.00
C GLU A 16 -2.34 24.20 -14.10
N GLU A 17 -2.22 24.64 -12.86
CA GLU A 17 -1.15 24.15 -11.99
C GLU A 17 -1.29 22.66 -11.67
N ASN A 18 -2.48 22.23 -11.26
CA ASN A 18 -2.71 20.79 -11.00
C ASN A 18 -2.71 19.96 -12.27
N PHE A 19 -3.19 20.50 -13.41
CA PHE A 19 -3.10 19.77 -14.68
C PHE A 19 -1.64 19.43 -15.06
N LYS A 20 -0.77 20.44 -15.10
CA LYS A 20 0.69 20.28 -15.28
C LYS A 20 1.30 19.19 -14.38
N ALA A 21 1.02 19.22 -13.07
CA ALA A 21 1.60 18.24 -12.15
C ALA A 21 1.10 16.84 -12.43
N LEU A 22 -0.23 16.68 -12.68
CA LEU A 22 -0.77 15.34 -12.94
C LEU A 22 -0.21 14.74 -14.24
N VAL A 23 0.04 15.54 -15.29
CA VAL A 23 0.58 14.97 -16.52
C VAL A 23 2.04 14.53 -16.31
N LEU A 24 2.83 15.28 -15.51
CA LEU A 24 4.21 14.87 -15.18
C LEU A 24 4.23 13.55 -14.40
N ILE A 25 3.33 13.43 -13.37
CA ILE A 25 3.18 12.16 -12.64
C ILE A 25 2.85 11.00 -13.61
N ALA A 26 1.89 11.19 -14.53
CA ALA A 26 1.48 10.13 -15.44
C ALA A 26 2.64 9.64 -16.31
N PHE A 27 3.40 10.60 -16.86
CA PHE A 27 4.51 10.24 -17.76
C PHE A 27 5.63 9.53 -17.00
N ALA A 28 5.94 9.97 -15.76
CA ALA A 28 7.01 9.32 -14.98
C ALA A 28 6.62 7.93 -14.47
N GLN A 29 5.33 7.69 -14.19
CA GLN A 29 4.91 6.33 -13.84
C GLN A 29 4.91 5.37 -15.03
N TYR A 30 4.62 5.85 -16.24
CA TYR A 30 4.67 5.02 -17.46
C TYR A 30 6.12 4.75 -17.93
N LEU A 31 7.00 5.73 -17.89
CA LEU A 31 8.41 5.53 -18.35
C LEU A 31 9.39 5.86 -17.21
N GLN A 32 9.68 4.88 -16.34
CA GLN A 32 10.39 5.16 -15.10
C GLN A 32 11.90 5.34 -15.32
N GLN A 33 12.41 4.92 -16.48
CA GLN A 33 13.86 5.02 -16.76
C GLN A 33 14.23 6.21 -17.65
N CYS A 34 13.30 7.09 -17.99
CA CYS A 34 13.49 8.22 -18.92
C CYS A 34 13.97 9.45 -18.14
N PRO A 35 14.98 10.20 -18.63
CA PRO A 35 15.51 11.31 -17.84
C PRO A 35 14.50 12.43 -17.66
N PHE A 36 14.73 13.23 -16.61
CA PHE A 36 13.85 14.33 -16.22
C PHE A 36 13.64 15.34 -17.35
N GLU A 37 14.72 15.79 -17.98
CA GLU A 37 14.57 16.82 -19.02
C GLU A 37 13.72 16.33 -20.18
N ASP A 38 13.76 15.04 -20.48
CA ASP A 38 12.96 14.56 -21.60
C ASP A 38 11.47 14.61 -21.27
N HIS A 39 11.10 14.30 -20.02
CA HIS A 39 9.68 14.34 -19.64
C HIS A 39 9.16 15.78 -19.60
N VAL A 40 10.00 16.74 -19.19
CA VAL A 40 9.55 18.13 -19.03
C VAL A 40 9.17 18.74 -20.38
N LYS A 41 10.02 18.58 -21.40
CA LYS A 41 9.66 18.74 -22.80
C LYS A 41 8.27 18.25 -23.17
N LEU A 42 8.00 16.97 -22.97
CA LEU A 42 6.70 16.39 -23.41
C LEU A 42 5.53 17.06 -22.69
N VAL A 43 5.68 17.31 -21.38
CA VAL A 43 4.63 17.95 -20.58
C VAL A 43 4.34 19.34 -21.08
N ASN A 44 5.40 20.11 -21.39
CA ASN A 44 5.17 21.49 -21.82
C ASN A 44 4.48 21.51 -23.16
N GLU A 45 4.76 20.53 -24.00
CA GLU A 45 4.07 20.46 -25.28
C GLU A 45 2.59 20.10 -25.09
N VAL A 46 2.27 19.17 -24.18
CA VAL A 46 0.86 18.81 -23.99
C VAL A 46 0.09 19.99 -23.45
N THR A 47 0.69 20.73 -22.53
CA THR A 47 0.02 21.88 -21.92
C THR A 47 -0.28 22.95 -22.98
N GLU A 48 0.69 23.21 -23.86
CA GLU A 48 0.50 24.23 -24.91
C GLU A 48 -0.66 23.81 -25.81
N PHE A 49 -0.71 22.53 -26.18
CA PHE A 49 -1.83 22.03 -26.99
C PHE A 49 -3.16 22.18 -26.26
N ALA A 50 -3.19 21.84 -24.98
CA ALA A 50 -4.43 21.93 -24.21
C ALA A 50 -5.02 23.34 -24.23
N LYS A 51 -4.15 24.38 -24.17
CA LYS A 51 -4.63 25.76 -24.19
C LYS A 51 -5.31 26.09 -25.50
N THR A 52 -4.86 25.50 -26.63
CA THR A 52 -5.53 25.75 -27.90
C THR A 52 -6.94 25.14 -27.92
N CYS A 53 -7.14 24.03 -27.21
CA CYS A 53 -8.47 23.42 -27.21
C CYS A 53 -9.40 24.17 -26.28
N VAL A 54 -8.84 24.81 -25.25
CA VAL A 54 -9.67 25.65 -24.37
C VAL A 54 -10.18 26.87 -25.13
N ALA A 55 -9.34 27.38 -26.03
CA ALA A 55 -9.71 28.53 -26.85
C ALA A 55 -10.75 28.18 -27.89
N ASP A 56 -10.67 26.96 -28.45
CA ASP A 56 -11.64 26.49 -29.44
C ASP A 56 -11.68 24.96 -29.40
N GLU A 57 -12.75 24.41 -28.81
CA GLU A 57 -12.87 22.96 -28.66
C GLU A 57 -12.95 22.22 -29.99
N SER A 58 -13.06 22.94 -31.11
CA SER A 58 -13.23 22.30 -32.41
C SER A 58 -12.00 22.37 -33.31
N ALA A 59 -10.87 22.88 -32.84
CA ALA A 59 -9.64 22.90 -33.60
C ALA A 59 -9.16 21.46 -33.83
N GLU A 60 -8.29 21.31 -34.82
CA GLU A 60 -7.89 19.95 -35.18
C GLU A 60 -7.25 19.22 -34.01
N ASN A 61 -7.53 17.91 -33.92
CA ASN A 61 -7.02 16.95 -32.95
C ASN A 61 -7.64 17.08 -31.55
N CYS A 62 -8.44 18.11 -31.29
CA CYS A 62 -8.93 18.40 -29.94
C CYS A 62 -9.97 17.38 -29.47
N ASP A 63 -10.48 16.55 -30.36
CA ASP A 63 -11.45 15.51 -30.00
C ASP A 63 -10.82 14.14 -29.70
N LYS A 64 -9.49 14.00 -29.78
CA LYS A 64 -8.82 12.72 -29.53
C LYS A 64 -8.88 12.35 -28.03
N SER A 65 -8.86 11.04 -27.72
CA SER A 65 -8.86 10.59 -26.31
C SER A 65 -7.56 10.97 -25.61
N LEU A 66 -7.59 11.01 -24.26
CA LEU A 66 -6.37 11.25 -23.49
C LEU A 66 -5.35 10.13 -23.70
N HIS A 67 -5.80 8.87 -23.78
CA HIS A 67 -4.88 7.77 -24.05
C HIS A 67 -4.16 7.97 -25.39
N THR A 68 -4.90 8.34 -26.44
CA THR A 68 -4.29 8.59 -27.75
C THR A 68 -3.29 9.74 -27.68
N LEU A 69 -3.66 10.85 -27.04
CA LEU A 69 -2.74 12.00 -26.97
C LEU A 69 -1.47 11.68 -26.17
N PHE A 70 -1.61 11.10 -24.97
CA PHE A 70 -0.44 10.84 -24.13
C PHE A 70 0.43 9.73 -24.72
N GLY A 71 -0.19 8.68 -25.26
CA GLY A 71 0.59 7.58 -25.80
C GLY A 71 1.41 8.00 -27.00
N ASP A 72 0.82 8.84 -27.87
CA ASP A 72 1.56 9.35 -29.04
C ASP A 72 2.81 10.14 -28.61
N LYS A 73 2.71 10.95 -27.55
CA LYS A 73 3.89 11.62 -26.96
C LYS A 73 4.94 10.64 -26.45
N LEU A 74 4.52 9.67 -25.61
CA LEU A 74 5.49 8.74 -25.02
C LEU A 74 6.26 7.97 -26.09
N CYS A 75 5.61 7.71 -27.23
CA CYS A 75 6.23 6.92 -28.28
C CYS A 75 7.22 7.71 -29.14
N THR A 76 7.42 8.99 -28.84
CA THR A 76 8.41 9.82 -29.59
C THR A 76 9.81 9.62 -29.00
N VAL A 77 9.92 9.43 -27.67
CA VAL A 77 11.26 9.16 -27.03
C VAL A 77 11.09 8.18 -25.85
N GLU A 82 19.69 -3.10 -24.28
CA GLU A 82 19.74 -4.54 -24.53
C GLU A 82 18.48 -5.26 -24.04
N THR A 83 17.77 -5.95 -24.96
CA THR A 83 16.54 -6.74 -24.68
C THR A 83 16.82 -8.19 -24.25
N TYR A 84 17.99 -8.75 -24.58
CA TYR A 84 18.25 -10.15 -24.33
C TYR A 84 17.12 -11.05 -24.86
N GLY A 85 16.54 -10.62 -25.97
CA GLY A 85 15.56 -11.43 -26.70
C GLY A 85 14.13 -11.34 -26.22
N GLU A 86 13.82 -10.38 -25.32
CA GLU A 86 12.51 -10.31 -24.68
C GLU A 86 12.16 -8.86 -24.34
N MET A 87 11.23 -8.26 -25.09
CA MET A 87 10.82 -6.86 -24.84
C MET A 87 9.47 -6.61 -25.49
N ALA A 88 8.44 -6.28 -24.69
CA ALA A 88 7.18 -5.90 -25.32
C ALA A 88 7.37 -4.59 -26.11
N ASP A 89 6.62 -4.45 -27.21
CA ASP A 89 6.79 -3.34 -28.15
C ASP A 89 5.50 -2.53 -28.15
N CYS A 90 5.32 -1.70 -27.12
CA CYS A 90 4.03 -1.06 -26.90
C CYS A 90 3.67 -0.08 -28.02
N CYS A 91 4.66 0.61 -28.61
CA CYS A 91 4.37 1.62 -29.60
C CYS A 91 3.97 1.03 -30.97
N ALA A 92 4.10 -0.28 -31.17
CA ALA A 92 3.57 -0.91 -32.36
C ALA A 92 2.09 -1.23 -32.27
N LYS A 93 1.47 -1.04 -31.11
CA LYS A 93 0.07 -1.41 -30.91
C LYS A 93 -0.84 -0.20 -31.16
N GLN A 94 -2.10 -0.52 -31.45
CA GLN A 94 -3.21 0.42 -31.48
C GLN A 94 -3.86 0.53 -30.09
N GLU A 95 -4.52 1.66 -29.85
CA GLU A 95 -5.41 1.72 -28.70
C GLU A 95 -6.59 0.79 -28.97
N PRO A 96 -7.15 0.12 -27.91
CA PRO A 96 -6.80 0.19 -26.48
C PRO A 96 -5.71 -0.80 -25.98
N GLU A 97 -5.23 -1.71 -26.85
CA GLU A 97 -4.13 -2.59 -26.43
C GLU A 97 -2.85 -1.84 -26.05
N ARG A 98 -2.58 -0.67 -26.66
CA ARG A 98 -1.35 0.08 -26.35
C ARG A 98 -1.32 0.57 -24.90
N ASN A 99 -2.41 1.17 -24.41
CA ASN A 99 -2.43 1.59 -23.00
C ASN A 99 -2.26 0.39 -22.07
N GLU A 100 -2.92 -0.75 -22.34
CA GLU A 100 -2.73 -1.96 -21.51
C GLU A 100 -1.26 -2.37 -21.46
N CYS A 101 -0.55 -2.26 -22.59
CA CYS A 101 0.87 -2.63 -22.59
C CYS A 101 1.70 -1.74 -21.64
N PHE A 102 1.48 -0.42 -21.67
CA PHE A 102 2.22 0.49 -20.77
C PHE A 102 1.95 0.14 -19.31
N LEU A 103 0.71 -0.21 -18.98
CA LEU A 103 0.40 -0.50 -17.58
C LEU A 103 1.20 -1.70 -17.12
N GLN A 104 1.43 -2.66 -18.03
CA GLN A 104 2.06 -3.93 -17.66
C GLN A 104 3.57 -3.80 -17.51
N HIS A 105 4.15 -2.68 -17.94
CA HIS A 105 5.58 -2.44 -17.77
C HIS A 105 5.92 -1.72 -16.49
N LYS A 106 4.92 -1.31 -15.70
CA LYS A 106 5.23 -0.68 -14.42
C LYS A 106 6.06 -1.65 -13.58
N ASP A 107 7.14 -1.13 -12.97
CA ASP A 107 8.14 -1.90 -12.21
C ASP A 107 8.07 -1.49 -10.74
N ASP A 108 7.66 -2.43 -9.86
CA ASP A 108 7.58 -2.14 -8.43
C ASP A 108 8.94 -2.12 -7.73
N ASN A 109 9.99 -2.57 -8.40
CA ASN A 109 11.33 -2.60 -7.82
C ASN A 109 12.35 -2.14 -8.87
N PRO A 110 12.33 -0.86 -9.23
CA PRO A 110 13.18 -0.40 -10.33
C PRO A 110 14.63 -0.22 -9.88
N ASN A 111 15.53 -0.37 -10.85
CA ASN A 111 16.97 -0.29 -10.60
C ASN A 111 17.36 1.19 -10.69
N LEU A 112 17.19 1.90 -9.57
CA LEU A 112 17.41 3.37 -9.57
C LEU A 112 18.29 3.77 -8.37
N PRO A 113 19.11 4.86 -8.39
CA PRO A 113 19.95 5.18 -7.24
C PRO A 113 19.16 5.67 -6.01
N ARG A 117 20.26 13.35 -1.41
CA ARG A 117 19.88 14.56 -0.60
C ARG A 117 21.15 15.39 -0.33
N PRO A 118 21.43 16.46 -1.11
CA PRO A 118 22.66 17.25 -0.95
C PRO A 118 22.65 18.09 0.34
N GLU A 119 23.69 18.90 0.53
CA GLU A 119 23.80 19.64 1.78
C GLU A 119 22.70 20.68 1.91
N VAL A 120 22.27 20.90 3.16
CA VAL A 120 21.12 21.76 3.45
C VAL A 120 21.23 23.08 2.70
N ASP A 121 22.38 23.74 2.82
CA ASP A 121 22.56 25.04 2.18
C ASP A 121 22.50 24.93 0.66
N VAL A 122 22.96 23.80 0.11
CA VAL A 122 22.91 23.61 -1.33
C VAL A 122 21.47 23.69 -1.83
N MET A 123 20.57 22.96 -1.16
CA MET A 123 19.18 22.85 -1.62
C MET A 123 18.49 24.21 -1.57
N CYS A 124 18.64 24.91 -0.44
CA CYS A 124 18.01 26.24 -0.30
C CYS A 124 18.53 27.14 -1.42
N THR A 125 19.79 26.95 -1.83
CA THR A 125 20.36 27.72 -2.96
C THR A 125 19.59 27.36 -4.23
N ALA A 126 19.39 26.05 -4.49
CA ALA A 126 18.61 25.64 -5.65
C ALA A 126 17.16 26.14 -5.57
N PHE A 127 16.59 26.17 -4.36
CA PHE A 127 15.16 26.48 -4.20
C PHE A 127 14.85 27.91 -4.64
N HIS A 128 15.60 28.90 -4.14
CA HIS A 128 15.33 30.29 -4.51
C HIS A 128 15.83 30.62 -5.92
N ASP A 129 16.85 29.91 -6.39
CA ASP A 129 17.23 29.97 -7.80
C ASP A 129 16.04 29.72 -8.72
N ASN A 130 15.66 28.45 -8.83
CA ASN A 130 14.66 27.98 -9.79
C ASN A 130 13.63 27.18 -9.00
N GLU A 131 12.64 27.90 -8.46
CA GLU A 131 11.67 27.29 -7.58
C GLU A 131 10.85 26.22 -8.31
N GLU A 132 10.27 26.55 -9.47
CA GLU A 132 9.37 25.60 -10.18
C GLU A 132 10.13 24.32 -10.51
N THR A 133 11.29 24.42 -11.14
CA THR A 133 12.13 23.30 -11.46
C THR A 133 12.46 22.50 -10.24
N PHE A 134 12.68 23.17 -9.10
CA PHE A 134 13.02 22.46 -7.88
C PHE A 134 11.88 21.53 -7.46
N LEU A 135 10.64 22.00 -7.58
CA LEU A 135 9.48 21.25 -7.12
C LEU A 135 9.05 20.19 -8.12
N LYS A 136 9.32 20.39 -9.41
CA LYS A 136 9.00 19.34 -10.38
C LYS A 136 9.90 18.13 -10.20
N LYS A 137 11.16 18.36 -9.80
CA LYS A 137 12.08 17.25 -9.55
C LYS A 137 11.60 16.37 -8.39
N TYR A 138 10.96 16.96 -7.39
CA TYR A 138 10.38 16.18 -6.30
C TYR A 138 9.31 15.20 -6.81
N LEU A 139 8.36 15.70 -7.61
CA LEU A 139 7.30 14.83 -8.13
C LEU A 139 7.88 13.73 -9.00
N TYR A 140 8.87 14.09 -9.83
CA TYR A 140 9.44 13.13 -10.76
C TYR A 140 10.10 11.97 -10.02
N GLU A 141 10.88 12.27 -8.97
CA GLU A 141 11.60 11.20 -8.27
C GLU A 141 10.68 10.31 -7.43
N ILE A 142 9.63 10.88 -6.78
CA ILE A 142 8.66 10.03 -6.07
C ILE A 142 7.87 9.15 -7.06
N ALA A 143 7.32 9.75 -8.11
CA ALA A 143 6.45 8.99 -9.03
C ALA A 143 7.16 7.84 -9.73
N ARG A 144 8.44 8.03 -10.09
CA ARG A 144 9.18 6.98 -10.85
C ARG A 144 9.56 5.82 -9.91
N ARG A 145 9.75 6.09 -8.61
CA ARG A 145 10.01 5.03 -7.66
C ARG A 145 8.75 4.35 -7.13
N HIS A 146 7.58 4.94 -7.36
CA HIS A 146 6.31 4.44 -6.79
C HIS A 146 5.25 4.61 -7.88
N PRO A 147 5.20 3.70 -8.85
CA PRO A 147 4.36 3.91 -10.05
C PRO A 147 2.87 3.68 -9.81
N TYR A 148 2.45 3.34 -8.57
CA TYR A 148 1.01 3.27 -8.22
C TYR A 148 0.63 4.25 -7.12
N PHE A 149 1.53 5.17 -6.75
CA PHE A 149 1.17 6.22 -5.76
C PHE A 149 -0.15 6.89 -6.14
N TYR A 150 -1.03 7.10 -5.16
CA TYR A 150 -2.32 7.73 -5.41
C TYR A 150 -2.08 9.18 -5.83
N ALA A 151 -2.42 9.51 -7.06
CA ALA A 151 -1.93 10.77 -7.63
C ALA A 151 -2.48 12.03 -6.99
N PRO A 152 -3.78 12.11 -6.69
CA PRO A 152 -4.23 13.27 -5.91
C PRO A 152 -3.53 13.45 -4.55
N GLU A 153 -3.20 12.36 -3.82
CA GLU A 153 -2.51 12.50 -2.55
C GLU A 153 -1.09 13.02 -2.77
N LEU A 154 -0.47 12.67 -3.89
CA LEU A 154 0.88 13.19 -4.15
C LEU A 154 0.85 14.70 -4.34
N LEU A 155 -0.26 15.26 -4.87
CA LEU A 155 -0.39 16.72 -4.90
C LEU A 155 -0.38 17.34 -3.50
N PHE A 156 -1.02 16.69 -2.52
CA PHE A 156 -1.01 17.18 -1.14
C PHE A 156 0.40 17.11 -0.53
N PHE A 157 1.15 16.04 -0.82
CA PHE A 157 2.52 15.95 -0.32
C PHE A 157 3.39 17.06 -0.92
N ALA A 158 3.13 17.42 -2.18
CA ALA A 158 3.91 18.48 -2.80
C ALA A 158 3.66 19.82 -2.13
N LYS A 159 2.41 20.08 -1.72
CA LYS A 159 2.05 21.38 -1.09
C LYS A 159 2.83 21.50 0.22
N ARG A 160 2.88 20.43 1.01
CA ARG A 160 3.59 20.42 2.26
C ARG A 160 5.10 20.49 2.04
N TYR A 161 5.60 19.90 0.95
CA TYR A 161 7.03 19.96 0.68
C TYR A 161 7.47 21.38 0.29
N LYS A 162 6.61 22.09 -0.46
CA LYS A 162 6.86 23.50 -0.75
C LYS A 162 6.81 24.34 0.52
N ALA A 163 5.85 24.07 1.42
CA ALA A 163 5.70 24.89 2.62
C ALA A 163 6.91 24.76 3.56
N ALA A 164 7.55 23.58 3.60
CA ALA A 164 8.72 23.38 4.45
C ALA A 164 9.90 24.24 3.97
N PHE A 165 10.07 24.37 2.65
CA PHE A 165 11.15 25.19 2.13
C PHE A 165 10.84 26.68 2.29
N THR A 166 9.59 27.08 2.04
CA THR A 166 9.17 28.46 2.21
C THR A 166 8.86 28.79 3.67
N GLU A 167 9.72 28.33 4.57
CA GLU A 167 9.66 28.69 5.97
C GLU A 167 11.05 28.47 6.57
N CYS A 168 11.66 27.32 6.26
CA CYS A 168 12.90 26.93 6.93
C CYS A 168 14.11 27.62 6.31
N CYS A 169 14.15 27.75 4.98
CA CYS A 169 15.29 28.44 4.29
C CYS A 169 15.41 29.87 4.86
N GLN A 170 14.40 30.32 5.61
CA GLN A 170 14.42 31.69 6.19
C GLN A 170 15.04 31.71 7.58
N ASP A 173 18.47 28.56 12.24
CA ASP A 173 19.28 27.48 11.63
C ASP A 173 18.36 26.71 10.67
N LYS A 174 18.76 26.60 9.41
CA LYS A 174 17.93 25.97 8.35
C LYS A 174 17.89 24.44 8.54
N ALA A 175 19.03 23.80 8.83
CA ALA A 175 19.06 22.34 8.97
C ALA A 175 18.29 21.83 10.18
N ALA A 176 18.25 22.60 11.27
CA ALA A 176 17.42 22.24 12.43
C ALA A 176 15.94 22.35 12.13
N CYS A 177 15.57 23.18 11.16
CA CYS A 177 14.17 23.31 10.73
C CYS A 177 13.80 22.25 9.69
N LEU A 178 14.57 22.19 8.60
CA LEU A 178 14.12 21.53 7.38
C LEU A 178 14.20 20.01 7.46
N LEU A 179 15.29 19.46 7.99
CA LEU A 179 15.58 18.04 7.85
C LEU A 179 14.60 17.13 8.61
N PRO A 180 14.16 17.47 9.83
CA PRO A 180 13.10 16.64 10.45
C PRO A 180 11.79 16.67 9.68
N LYS A 181 11.44 17.82 9.09
CA LYS A 181 10.21 17.92 8.33
C LYS A 181 10.26 17.04 7.09
N LEU A 182 11.41 17.04 6.38
CA LEU A 182 11.60 16.20 5.22
C LEU A 182 11.66 14.72 5.57
N ASP A 183 11.94 14.40 6.85
CA ASP A 183 12.02 13.01 7.27
C ASP A 183 10.61 12.52 7.53
N GLU A 184 9.76 13.36 8.10
CA GLU A 184 8.38 12.91 8.42
C GLU A 184 7.62 12.72 7.11
N LEU A 185 8.04 13.43 6.06
CA LEU A 185 7.39 13.40 4.76
C LEU A 185 7.74 12.17 3.94
N ARG A 186 8.98 11.69 3.96
CA ARG A 186 9.23 10.43 3.27
C ARG A 186 8.71 9.22 4.05
N ASP A 187 8.63 9.33 5.39
CA ASP A 187 7.98 8.28 6.19
C ASP A 187 6.52 8.12 5.82
N GLU A 188 5.77 9.23 5.83
CA GLU A 188 4.35 9.10 5.52
C GLU A 188 4.13 8.77 4.04
N GLY A 189 5.05 9.21 3.15
CA GLY A 189 4.96 8.88 1.74
C GLY A 189 5.10 7.38 1.46
N LYS A 190 6.02 6.74 2.18
CA LYS A 190 6.20 5.29 2.03
C LYS A 190 4.95 4.51 2.45
N ALA A 191 4.30 4.93 3.53
CA ALA A 191 3.12 4.23 4.03
C ALA A 191 1.90 4.46 3.15
N SER A 192 1.72 5.69 2.64
CA SER A 192 0.67 5.98 1.64
C SER A 192 0.80 5.11 0.39
N SER A 193 2.01 5.01 -0.14
CA SER A 193 2.27 4.20 -1.34
C SER A 193 1.86 2.72 -1.14
N ALA A 194 2.28 2.11 -0.01
CA ALA A 194 1.94 0.70 0.22
C ALA A 194 0.41 0.51 0.39
N LYS A 195 -0.27 1.44 1.05
CA LYS A 195 -1.73 1.34 1.21
C LYS A 195 -2.46 1.38 -0.15
N GLN A 196 -2.09 2.33 -1.03
CA GLN A 196 -2.72 2.34 -2.37
C GLN A 196 -2.36 1.09 -3.20
N ARG A 197 -1.10 0.58 -3.11
CA ARG A 197 -0.73 -0.62 -3.88
C ARG A 197 -1.65 -1.82 -3.58
N LEU A 198 -2.19 -1.92 -2.33
CA LEU A 198 -3.18 -2.97 -1.99
C LEU A 198 -4.51 -2.75 -2.73
N LYS A 199 -5.02 -1.50 -2.83
CA LYS A 199 -6.27 -1.26 -3.61
C LYS A 199 -6.10 -1.67 -5.08
N CYS A 200 -4.98 -1.30 -5.68
CA CYS A 200 -4.76 -1.59 -7.12
C CYS A 200 -4.58 -3.11 -7.32
N ALA A 201 -3.90 -3.81 -6.39
CA ALA A 201 -3.74 -5.26 -6.58
C ALA A 201 -5.08 -5.95 -6.39
N SER A 202 -5.93 -5.39 -5.53
CA SER A 202 -7.25 -5.95 -5.29
C SER A 202 -8.10 -5.85 -6.57
N LEU A 203 -8.17 -4.64 -7.16
CA LEU A 203 -8.98 -4.43 -8.37
C LEU A 203 -8.44 -5.23 -9.57
N GLN A 204 -7.12 -5.27 -9.75
CA GLN A 204 -6.58 -5.88 -10.98
C GLN A 204 -6.49 -7.41 -10.91
N LYS A 205 -6.17 -8.00 -9.76
CA LYS A 205 -6.05 -9.44 -9.65
C LYS A 205 -7.32 -10.17 -9.18
N PHE A 206 -8.20 -9.54 -8.39
CA PHE A 206 -9.37 -10.21 -7.86
C PHE A 206 -10.70 -9.60 -8.32
N GLY A 207 -10.72 -8.40 -8.91
CA GLY A 207 -11.91 -7.99 -9.63
C GLY A 207 -12.72 -6.88 -8.95
N GLU A 208 -13.57 -6.22 -9.75
CA GLU A 208 -14.42 -5.14 -9.20
C GLU A 208 -15.29 -5.62 -8.03
N ARG A 209 -15.87 -6.82 -8.12
CA ARG A 209 -16.78 -7.24 -7.01
C ARG A 209 -16.03 -7.36 -5.66
N ALA A 210 -14.78 -7.79 -5.70
CA ALA A 210 -14.03 -7.93 -4.46
C ALA A 210 -13.68 -6.56 -3.89
N PHE A 211 -13.32 -5.58 -4.74
CA PHE A 211 -13.08 -4.22 -4.22
C PHE A 211 -14.37 -3.61 -3.60
N LYS A 212 -15.51 -3.76 -4.29
CA LYS A 212 -16.78 -3.20 -3.75
C LYS A 212 -17.10 -3.77 -2.37
N ALA A 213 -16.87 -5.07 -2.17
CA ALA A 213 -17.18 -5.61 -0.85
C ALA A 213 -16.26 -5.04 0.25
N TRP A 214 -14.95 -4.93 -0.04
CA TRP A 214 -14.04 -4.24 0.86
C TRP A 214 -14.57 -2.84 1.24
N ALA A 215 -15.07 -2.08 0.27
CA ALA A 215 -15.52 -0.72 0.54
C ALA A 215 -16.84 -0.70 1.34
N VAL A 216 -17.77 -1.62 1.02
CA VAL A 216 -18.99 -1.71 1.85
C VAL A 216 -18.61 -1.90 3.32
N ALA A 217 -17.69 -2.83 3.59
CA ALA A 217 -17.35 -3.12 4.98
C ALA A 217 -16.67 -1.90 5.66
N ARG A 218 -15.68 -1.30 4.98
CA ARG A 218 -14.96 -0.19 5.64
C ARG A 218 -15.84 1.07 5.85
N LEU A 219 -16.65 1.48 4.84
CA LEU A 219 -17.54 2.63 5.03
C LEU A 219 -18.71 2.35 5.98
N SER A 220 -19.23 1.09 6.08
CA SER A 220 -20.32 0.84 7.09
C SER A 220 -19.78 0.94 8.52
N GLN A 221 -18.53 0.52 8.74
CA GLN A 221 -17.92 0.73 10.05
C GLN A 221 -17.74 2.23 10.35
N ARG A 222 -17.34 3.02 9.35
CA ARG A 222 -16.96 4.39 9.65
C ARG A 222 -18.21 5.31 9.71
N PHE A 223 -19.29 4.96 8.97
CA PHE A 223 -20.54 5.74 8.90
C PHE A 223 -21.77 4.91 9.36
N PRO A 224 -21.76 4.41 10.63
CA PRO A 224 -22.80 3.42 11.02
C PRO A 224 -24.24 3.97 11.11
N LYS A 225 -24.44 5.29 11.16
CA LYS A 225 -25.79 5.83 11.18
C LYS A 225 -26.37 6.01 9.76
N ALA A 226 -25.55 5.88 8.71
CA ALA A 226 -26.03 6.04 7.34
C ALA A 226 -26.89 4.84 6.90
N GLU A 227 -27.91 5.10 6.07
CA GLU A 227 -28.76 4.04 5.52
C GLU A 227 -28.01 3.24 4.45
N PHE A 228 -28.49 2.01 4.15
CA PHE A 228 -27.80 1.14 3.18
C PHE A 228 -27.76 1.76 1.79
N ALA A 229 -28.85 2.43 1.35
CA ALA A 229 -28.85 3.16 0.08
C ALA A 229 -27.77 4.26 0.01
N GLU A 230 -27.50 4.97 1.13
CA GLU A 230 -26.46 6.00 1.14
C GLU A 230 -25.06 5.41 1.07
N VAL A 231 -24.78 4.35 1.87
CA VAL A 231 -23.47 3.68 1.77
C VAL A 231 -23.25 3.14 0.34
N SER A 232 -24.30 2.57 -0.30
CA SER A 232 -24.14 1.99 -1.64
C SER A 232 -23.75 3.05 -2.66
N LYS A 233 -24.34 4.25 -2.55
CA LYS A 233 -23.99 5.35 -3.46
C LYS A 233 -22.52 5.77 -3.33
N LEU A 234 -22.05 5.95 -2.08
CA LEU A 234 -20.65 6.30 -1.81
C LEU A 234 -19.71 5.22 -2.34
N VAL A 235 -20.09 3.95 -2.16
CA VAL A 235 -19.24 2.85 -2.66
C VAL A 235 -19.14 2.87 -4.19
N THR A 236 -20.24 3.10 -4.93
CA THR A 236 -20.15 3.21 -6.41
C THR A 236 -19.18 4.34 -6.84
N ASP A 237 -19.27 5.52 -6.19
CA ASP A 237 -18.41 6.64 -6.56
C ASP A 237 -16.93 6.41 -6.18
N LEU A 238 -16.66 5.85 -4.99
CA LEU A 238 -15.27 5.54 -4.56
C LEU A 238 -14.61 4.49 -5.46
N THR A 239 -15.37 3.47 -5.84
CA THR A 239 -14.88 2.44 -6.77
C THR A 239 -14.49 3.04 -8.11
N LYS A 240 -15.28 4.03 -8.63
CA LYS A 240 -14.93 4.65 -9.91
C LYS A 240 -13.62 5.45 -9.80
N VAL A 241 -13.44 6.21 -8.71
CA VAL A 241 -12.18 6.93 -8.45
C VAL A 241 -10.98 5.99 -8.50
N HIS A 242 -11.02 4.89 -7.74
CA HIS A 242 -9.80 4.06 -7.67
C HIS A 242 -9.58 3.24 -8.96
N THR A 243 -10.65 2.83 -9.63
CA THR A 243 -10.49 2.16 -10.94
C THR A 243 -9.74 3.06 -11.92
N GLU A 244 -10.09 4.36 -11.95
CA GLU A 244 -9.41 5.31 -12.88
C GLU A 244 -7.94 5.49 -12.47
N CYS A 245 -7.67 5.79 -11.20
CA CYS A 245 -6.28 6.04 -10.74
C CYS A 245 -5.38 4.83 -11.00
N CYS A 246 -5.87 3.61 -10.75
CA CYS A 246 -5.04 2.39 -10.92
C CYS A 246 -4.88 2.01 -12.40
N HIS A 247 -5.71 2.58 -13.29
CA HIS A 247 -5.63 2.32 -14.72
C HIS A 247 -4.93 3.44 -15.45
N GLY A 248 -4.26 4.33 -14.74
CA GLY A 248 -3.53 5.42 -15.38
C GLY A 248 -4.33 6.64 -15.80
N ASP A 249 -5.65 6.69 -15.49
CA ASP A 249 -6.53 7.80 -15.90
C ASP A 249 -6.50 8.89 -14.81
N LEU A 250 -5.35 9.59 -14.71
CA LEU A 250 -5.08 10.39 -13.54
C LEU A 250 -5.84 11.71 -13.49
N LEU A 251 -6.07 12.35 -14.63
CA LEU A 251 -6.83 13.61 -14.64
C LEU A 251 -8.29 13.36 -14.28
N GLU A 252 -8.85 12.27 -14.82
CA GLU A 252 -10.20 11.87 -14.47
C GLU A 252 -10.34 11.51 -13.00
N CYS A 253 -9.39 10.71 -12.48
CA CYS A 253 -9.39 10.33 -11.06
C CYS A 253 -9.41 11.56 -10.12
N ALA A 254 -8.54 12.56 -10.39
CA ALA A 254 -8.47 13.73 -9.52
C ALA A 254 -9.78 14.53 -9.54
N ASP A 255 -10.37 14.67 -10.72
CA ASP A 255 -11.62 15.43 -10.88
C ASP A 255 -12.79 14.73 -10.15
N ASP A 256 -12.91 13.39 -10.28
CA ASP A 256 -13.98 12.65 -9.58
C ASP A 256 -13.77 12.60 -8.05
N ARG A 257 -12.51 12.56 -7.57
CA ARG A 257 -12.26 12.60 -6.13
C ARG A 257 -12.75 13.92 -5.57
N ALA A 258 -12.51 15.02 -6.31
CA ALA A 258 -12.96 16.35 -5.85
C ALA A 258 -14.47 16.42 -5.79
N ASP A 259 -15.17 15.87 -6.81
CA ASP A 259 -16.63 15.84 -6.78
C ASP A 259 -17.19 15.00 -5.63
N LEU A 260 -16.57 13.85 -5.30
CA LEU A 260 -17.03 13.02 -4.19
C LEU A 260 -16.92 13.79 -2.85
N ALA A 261 -15.84 14.56 -2.66
CA ALA A 261 -15.69 15.30 -1.39
C ALA A 261 -16.76 16.39 -1.25
N LYS A 262 -17.08 17.08 -2.36
CA LYS A 262 -18.17 18.06 -2.38
C LYS A 262 -19.53 17.41 -2.00
N TYR A 263 -19.85 16.23 -2.57
CA TYR A 263 -21.10 15.52 -2.23
C TYR A 263 -21.17 15.19 -0.73
N ILE A 264 -20.11 14.61 -0.18
CA ILE A 264 -20.10 14.20 1.21
C ILE A 264 -20.35 15.42 2.11
N CYS A 265 -19.66 16.54 1.83
CA CYS A 265 -19.77 17.71 2.70
C CYS A 265 -21.12 18.43 2.61
N GLU A 266 -21.87 18.30 1.49
CA GLU A 266 -23.24 18.80 1.40
C GLU A 266 -24.27 17.89 2.06
N ASN A 267 -23.89 16.65 2.41
CA ASN A 267 -24.85 15.67 2.94
C ASN A 267 -24.41 15.10 4.30
N GLN A 268 -23.79 15.93 5.14
CA GLN A 268 -23.23 15.45 6.41
C GLN A 268 -24.29 14.84 7.34
N ASP A 269 -25.44 15.51 7.47
CA ASP A 269 -26.55 14.99 8.30
C ASP A 269 -27.09 13.60 7.94
N SER A 270 -26.78 13.08 6.75
CA SER A 270 -27.18 11.73 6.38
C SER A 270 -26.00 10.73 6.38
N ILE A 271 -24.81 11.16 6.80
CA ILE A 271 -23.58 10.36 6.70
C ILE A 271 -22.86 10.22 8.04
N SER A 272 -22.50 11.33 8.72
CA SER A 272 -21.66 11.25 9.95
C SER A 272 -21.64 12.59 10.69
N SER A 273 -21.55 12.52 12.03
CA SER A 273 -21.37 13.68 12.91
C SER A 273 -19.90 14.12 13.05
N LYS A 274 -18.95 13.43 12.39
CA LYS A 274 -17.53 13.68 12.60
C LYS A 274 -16.86 14.54 11.50
N LEU A 275 -17.62 15.06 10.53
CA LEU A 275 -17.09 15.65 9.29
C LEU A 275 -16.95 17.18 9.29
N LYS A 276 -17.52 17.85 10.31
CA LYS A 276 -17.61 19.34 10.30
C LYS A 276 -16.29 20.03 9.97
N GLU A 277 -15.25 19.75 10.74
CA GLU A 277 -13.99 20.47 10.56
C GLU A 277 -13.33 20.11 9.22
N CYS A 278 -13.39 18.82 8.84
CA CYS A 278 -12.82 18.38 7.56
C CYS A 278 -13.38 19.20 6.42
N CYS A 279 -14.66 19.49 6.48
CA CYS A 279 -15.36 20.04 5.35
C CYS A 279 -15.19 21.55 5.21
N GLU A 280 -14.52 22.22 6.17
CA GLU A 280 -14.22 23.64 6.13
C GLU A 280 -12.79 23.94 5.65
N LYS A 281 -11.96 22.90 5.44
CA LYS A 281 -10.57 23.02 5.02
C LYS A 281 -10.42 23.27 3.51
N PRO A 282 -9.20 23.72 3.06
CA PRO A 282 -8.94 23.89 1.61
C PRO A 282 -9.04 22.58 0.82
N LEU A 283 -8.72 22.63 -0.48
CA LEU A 283 -9.32 21.65 -1.36
C LEU A 283 -8.61 20.31 -1.22
N LEU A 284 -7.28 20.33 -1.27
CA LEU A 284 -6.54 19.08 -1.11
C LEU A 284 -6.58 18.57 0.33
N GLU A 285 -6.55 19.49 1.31
CA GLU A 285 -6.61 19.07 2.70
C GLU A 285 -7.97 18.44 3.04
N LYS A 286 -9.02 18.86 2.38
CA LYS A 286 -10.36 18.32 2.69
C LYS A 286 -10.48 16.83 2.36
N SER A 287 -10.11 16.43 1.13
CA SER A 287 -10.19 15.01 0.76
C SER A 287 -9.31 14.15 1.66
N HIS A 288 -8.08 14.63 1.96
CA HIS A 288 -7.18 13.89 2.83
C HIS A 288 -7.80 13.72 4.21
N CYS A 289 -8.47 14.76 4.71
CA CYS A 289 -9.10 14.69 6.03
C CYS A 289 -10.25 13.67 6.05
N ILE A 290 -11.11 13.67 5.03
CA ILE A 290 -12.26 12.74 4.99
C ILE A 290 -11.80 11.29 4.95
N ALA A 291 -10.71 11.00 4.21
CA ALA A 291 -10.24 9.63 4.05
C ALA A 291 -9.76 9.01 5.37
N GLU A 292 -9.40 9.81 6.36
CA GLU A 292 -8.84 9.33 7.62
C GLU A 292 -9.71 9.67 8.84
N VAL A 293 -10.98 10.00 8.63
CA VAL A 293 -11.84 10.44 9.75
C VAL A 293 -12.15 9.29 10.72
N GLU A 294 -12.29 9.63 12.01
CA GLU A 294 -12.62 8.60 13.03
C GLU A 294 -14.04 8.07 12.84
N ASN A 295 -14.29 6.83 13.25
CA ASN A 295 -15.63 6.24 13.18
C ASN A 295 -16.64 7.08 13.98
N ASP A 296 -17.86 7.20 13.45
CA ASP A 296 -18.98 7.81 14.18
C ASP A 296 -19.47 6.84 15.28
N GLU A 297 -20.28 7.38 16.21
CA GLU A 297 -20.87 6.55 17.25
C GLU A 297 -21.95 5.64 16.67
N MET A 298 -21.95 4.38 17.12
CA MET A 298 -22.98 3.40 16.74
C MET A 298 -24.36 3.78 17.31
N PRO A 299 -25.44 3.69 16.54
CA PRO A 299 -26.79 3.84 17.15
C PRO A 299 -27.02 2.83 18.26
N ALA A 300 -27.80 3.27 19.26
CA ALA A 300 -27.92 2.55 20.53
C ALA A 300 -28.59 1.20 20.37
N ASP A 301 -29.84 1.16 19.93
CA ASP A 301 -30.49 -0.12 20.24
C ASP A 301 -30.85 -0.96 19.02
N LEU A 302 -29.83 -1.32 18.24
CA LEU A 302 -30.08 -1.93 16.96
C LEU A 302 -30.69 -3.32 17.12
N PRO A 303 -31.61 -3.70 16.24
CA PRO A 303 -32.18 -5.05 16.32
C PRO A 303 -31.19 -6.17 16.02
N SER A 304 -31.57 -7.39 16.42
CA SER A 304 -30.54 -8.42 16.42
C SER A 304 -30.32 -8.92 15.00
N LEU A 305 -29.05 -9.30 14.73
CA LEU A 305 -28.71 -9.90 13.44
C LEU A 305 -29.40 -11.24 13.24
N ALA A 306 -29.53 -12.00 14.33
CA ALA A 306 -30.10 -13.33 14.20
C ALA A 306 -31.54 -13.27 13.68
N ALA A 307 -32.31 -12.22 14.08
CA ALA A 307 -33.71 -12.12 13.65
C ALA A 307 -33.86 -12.01 12.13
N ASP A 308 -33.00 -11.21 11.45
CA ASP A 308 -33.17 -10.98 10.02
C ASP A 308 -32.48 -12.05 9.14
N PHE A 309 -31.41 -12.68 9.65
CA PHE A 309 -30.57 -13.51 8.79
C PHE A 309 -30.48 -14.97 9.20
N VAL A 310 -31.08 -15.37 10.34
CA VAL A 310 -31.10 -16.77 10.78
C VAL A 310 -32.52 -17.27 11.15
N GLU A 311 -33.30 -16.48 11.93
CA GLU A 311 -34.61 -16.95 12.38
C GLU A 311 -35.74 -16.68 11.39
N SER A 312 -35.61 -15.69 10.49
CA SER A 312 -36.71 -15.31 9.59
C SER A 312 -37.14 -16.46 8.66
N LYS A 313 -38.47 -16.63 8.46
CA LYS A 313 -38.87 -17.62 7.45
C LYS A 313 -38.48 -17.22 6.02
N ASP A 314 -38.07 -15.97 5.79
CA ASP A 314 -37.87 -15.51 4.43
C ASP A 314 -36.40 -15.57 3.98
N VAL A 315 -35.51 -16.20 4.76
CA VAL A 315 -34.06 -16.19 4.40
C VAL A 315 -33.81 -16.75 2.99
N CYS A 316 -34.34 -17.94 2.70
CA CYS A 316 -34.05 -18.57 1.41
C CYS A 316 -34.72 -17.82 0.26
N LYS A 317 -35.97 -17.35 0.45
CA LYS A 317 -36.62 -16.53 -0.57
C LYS A 317 -35.81 -15.27 -0.88
N ASN A 318 -35.27 -14.56 0.17
CA ASN A 318 -34.60 -13.28 -0.10
C ASN A 318 -33.26 -13.52 -0.82
N TYR A 319 -32.57 -14.62 -0.47
CA TYR A 319 -31.30 -14.99 -1.16
C TYR A 319 -31.52 -15.38 -2.64
N ALA A 320 -32.67 -16.03 -2.97
CA ALA A 320 -32.94 -16.41 -4.37
C ALA A 320 -33.44 -15.22 -5.21
N GLU A 321 -34.31 -14.35 -4.62
CA GLU A 321 -34.94 -13.29 -5.40
C GLU A 321 -34.05 -12.10 -5.68
N ALA A 322 -33.12 -11.77 -4.77
CA ALA A 322 -32.22 -10.61 -4.95
C ALA A 322 -30.89 -10.89 -4.24
N LYS A 323 -30.04 -11.70 -4.89
CA LYS A 323 -28.88 -12.27 -4.21
C LYS A 323 -27.89 -11.18 -3.77
N ASP A 324 -27.53 -10.28 -4.72
CA ASP A 324 -26.51 -9.26 -4.41
C ASP A 324 -26.99 -8.21 -3.37
N VAL A 325 -28.28 -7.80 -3.41
CA VAL A 325 -28.82 -6.88 -2.40
C VAL A 325 -28.86 -7.55 -1.03
N PHE A 326 -29.33 -8.82 -0.95
CA PHE A 326 -29.44 -9.49 0.34
C PHE A 326 -28.07 -9.71 0.99
N LEU A 327 -27.06 -10.20 0.21
CA LEU A 327 -25.74 -10.39 0.83
C LEU A 327 -25.01 -9.07 1.12
N GLY A 328 -25.29 -8.02 0.34
CA GLY A 328 -24.71 -6.72 0.66
C GLY A 328 -25.35 -6.14 1.92
N MET A 329 -26.65 -6.39 2.14
CA MET A 329 -27.24 -6.00 3.44
C MET A 329 -26.67 -6.76 4.63
N PHE A 330 -26.40 -8.09 4.48
CA PHE A 330 -25.75 -8.83 5.56
C PHE A 330 -24.41 -8.16 5.94
N LEU A 331 -23.57 -7.90 4.96
CA LEU A 331 -22.25 -7.28 5.26
C LEU A 331 -22.35 -5.88 5.90
N TYR A 332 -23.20 -4.98 5.36
CA TYR A 332 -23.47 -3.67 5.97
C TYR A 332 -23.95 -3.78 7.43
N GLU A 333 -24.90 -4.68 7.70
CA GLU A 333 -25.48 -4.77 9.07
C GLU A 333 -24.43 -5.32 10.06
N TYR A 334 -23.63 -6.31 9.64
CA TYR A 334 -22.62 -6.91 10.54
C TYR A 334 -21.50 -5.89 10.80
N ALA A 335 -21.04 -5.19 9.76
CA ALA A 335 -19.90 -4.25 9.91
C ALA A 335 -20.27 -3.05 10.77
N ARG A 336 -21.48 -2.52 10.64
CA ARG A 336 -21.79 -1.29 11.37
C ARG A 336 -21.85 -1.56 12.87
N ARG A 337 -22.15 -2.82 13.27
CA ARG A 337 -22.18 -3.29 14.64
C ARG A 337 -20.80 -3.68 15.19
N HIS A 338 -19.73 -3.78 14.33
CA HIS A 338 -18.47 -4.39 14.77
C HIS A 338 -17.25 -3.59 14.29
N PRO A 339 -17.14 -2.32 14.74
CA PRO A 339 -15.88 -1.57 14.50
C PRO A 339 -14.69 -2.22 15.11
N ASP A 340 -14.87 -3.18 16.02
CA ASP A 340 -13.78 -3.88 16.67
C ASP A 340 -13.20 -5.04 15.85
N TYR A 341 -13.78 -5.38 14.68
CA TYR A 341 -13.29 -6.44 13.79
C TYR A 341 -12.46 -5.82 12.68
N SER A 342 -11.41 -6.53 12.21
CA SER A 342 -10.79 -6.08 10.98
C SER A 342 -11.74 -6.21 9.75
N VAL A 343 -11.41 -5.44 8.67
CA VAL A 343 -12.16 -5.58 7.40
C VAL A 343 -12.01 -7.01 6.84
N VAL A 344 -10.76 -7.55 6.77
CA VAL A 344 -10.61 -8.91 6.25
C VAL A 344 -11.36 -9.97 7.10
N LEU A 345 -11.54 -9.76 8.41
CA LEU A 345 -12.32 -10.71 9.23
C LEU A 345 -13.81 -10.65 8.85
N LEU A 346 -14.34 -9.44 8.66
CA LEU A 346 -15.76 -9.30 8.21
C LEU A 346 -16.01 -9.92 6.85
N LEU A 347 -15.02 -9.81 5.95
CA LEU A 347 -15.19 -10.38 4.59
C LEU A 347 -15.14 -11.91 4.68
N ARG A 348 -14.37 -12.47 5.61
CA ARG A 348 -14.33 -13.94 5.82
C ARG A 348 -15.72 -14.43 6.28
N LEU A 349 -16.34 -13.72 7.23
CA LEU A 349 -17.66 -14.15 7.78
C LEU A 349 -18.74 -14.05 6.71
N ALA A 350 -18.72 -12.99 5.87
CA ALA A 350 -19.72 -12.93 4.78
C ALA A 350 -19.55 -14.06 3.77
N LYS A 351 -18.30 -14.45 3.44
CA LYS A 351 -18.13 -15.60 2.53
C LYS A 351 -18.63 -16.92 3.16
N THR A 352 -18.41 -17.12 4.47
CA THR A 352 -18.91 -18.31 5.16
C THR A 352 -20.46 -18.33 5.14
N TYR A 353 -21.09 -17.16 5.35
CA TYR A 353 -22.56 -17.10 5.33
C TYR A 353 -23.14 -17.48 3.96
N GLU A 354 -22.58 -16.92 2.88
CA GLU A 354 -23.06 -17.23 1.52
C GLU A 354 -22.90 -18.71 1.18
N THR A 355 -21.71 -19.28 1.44
CA THR A 355 -21.50 -20.72 1.23
C THR A 355 -22.54 -21.58 1.96
N THR A 356 -22.90 -21.22 3.22
CA THR A 356 -23.88 -21.99 3.98
C THR A 356 -25.28 -21.87 3.38
N LEU A 357 -25.67 -20.69 2.88
CA LEU A 357 -27.00 -20.58 2.24
C LEU A 357 -27.07 -21.33 0.90
N GLU A 358 -26.00 -21.32 0.12
CA GLU A 358 -26.03 -22.07 -1.14
C GLU A 358 -26.29 -23.55 -0.89
N LYS A 359 -25.70 -24.13 0.18
CA LYS A 359 -25.92 -25.54 0.41
C LYS A 359 -27.27 -25.81 1.06
N CYS A 360 -27.66 -25.00 2.08
CA CYS A 360 -28.86 -25.32 2.85
C CYS A 360 -30.14 -25.04 2.07
N CYS A 361 -30.18 -23.97 1.28
CA CYS A 361 -31.45 -23.63 0.64
C CYS A 361 -31.83 -24.57 -0.48
N ALA A 362 -30.92 -25.47 -0.88
CA ALA A 362 -31.18 -26.44 -1.94
C ALA A 362 -31.52 -27.82 -1.40
N ALA A 363 -31.93 -27.91 -0.14
CA ALA A 363 -32.16 -29.20 0.51
C ALA A 363 -33.41 -29.10 1.36
N ALA A 364 -33.78 -30.23 1.98
CA ALA A 364 -35.09 -30.38 2.67
C ALA A 364 -35.49 -29.37 3.74
N ASP A 365 -34.77 -29.31 4.86
CA ASP A 365 -35.23 -28.46 5.98
C ASP A 365 -34.20 -27.38 6.24
N PRO A 366 -34.23 -26.28 5.48
CA PRO A 366 -33.16 -25.25 5.62
C PRO A 366 -33.09 -24.60 6.99
N HIS A 367 -34.25 -24.32 7.61
CA HIS A 367 -34.30 -23.65 8.91
C HIS A 367 -33.38 -24.33 9.94
N GLU A 368 -33.37 -25.66 9.99
CA GLU A 368 -32.50 -26.35 10.93
C GLU A 368 -31.08 -26.50 10.39
N CYS A 369 -30.92 -26.47 9.07
CA CYS A 369 -29.59 -26.58 8.45
C CYS A 369 -28.70 -25.40 8.82
N TYR A 370 -29.22 -24.17 8.75
CA TYR A 370 -28.41 -22.97 8.99
C TYR A 370 -28.66 -22.32 10.36
N ALA A 371 -29.35 -23.02 11.28
CA ALA A 371 -29.69 -22.39 12.55
C ALA A 371 -28.46 -22.12 13.42
N LYS A 372 -27.37 -22.88 13.21
CA LYS A 372 -26.17 -22.75 14.01
C LYS A 372 -25.04 -22.08 13.23
N VAL A 373 -25.35 -21.30 12.20
CA VAL A 373 -24.29 -20.74 11.36
C VAL A 373 -23.42 -19.74 12.16
N PHE A 374 -23.98 -19.04 13.14
CA PHE A 374 -23.15 -18.16 13.96
C PHE A 374 -22.14 -18.91 14.82
N ASP A 375 -22.36 -20.20 15.06
CA ASP A 375 -21.35 -20.98 15.83
C ASP A 375 -20.06 -21.12 14.99
N GLU A 376 -20.19 -21.22 13.66
CA GLU A 376 -19.02 -21.38 12.76
C GLU A 376 -18.15 -20.11 12.76
N PHE A 377 -18.71 -18.98 13.17
CA PHE A 377 -17.97 -17.69 13.16
C PHE A 377 -16.97 -17.64 14.32
N LYS A 378 -17.26 -18.32 15.44
CA LYS A 378 -16.37 -18.19 16.61
C LYS A 378 -14.91 -18.59 16.46
N PRO A 379 -14.53 -19.71 15.80
CA PRO A 379 -13.09 -19.95 15.55
C PRO A 379 -12.45 -18.88 14.68
N LEU A 380 -13.21 -18.29 13.75
CA LEU A 380 -12.66 -17.28 12.84
C LEU A 380 -12.38 -15.97 13.57
N VAL A 381 -13.25 -15.59 14.50
CA VAL A 381 -13.02 -14.42 15.33
C VAL A 381 -11.84 -14.64 16.28
N GLU A 382 -11.71 -15.85 16.86
CA GLU A 382 -10.77 -16.01 17.97
C GLU A 382 -9.31 -16.10 17.50
N GLU A 383 -9.06 -16.62 16.30
CA GLU A 383 -7.67 -16.79 15.85
C GLU A 383 -6.91 -15.48 15.74
N PRO A 384 -7.42 -14.42 15.07
CA PRO A 384 -6.69 -13.14 15.09
C PRO A 384 -6.62 -12.51 16.47
N GLN A 385 -7.65 -12.63 17.31
CA GLN A 385 -7.59 -12.00 18.64
C GLN A 385 -6.41 -12.50 19.44
N ASN A 386 -6.17 -13.81 19.39
CA ASN A 386 -5.07 -14.39 20.13
C ASN A 386 -3.72 -14.02 19.54
N LEU A 387 -3.61 -13.97 18.21
CA LEU A 387 -2.33 -13.60 17.58
C LEU A 387 -1.84 -12.24 18.06
N ILE A 388 -2.71 -11.22 17.99
CA ILE A 388 -2.31 -9.85 18.31
C ILE A 388 -2.08 -9.66 19.81
N LYS A 389 -2.80 -10.39 20.65
CA LYS A 389 -2.51 -10.39 22.09
C LYS A 389 -1.08 -10.82 22.36
N GLN A 390 -0.67 -11.92 21.74
CA GLN A 390 0.68 -12.39 22.00
C GLN A 390 1.77 -11.52 21.38
N ASN A 391 1.55 -10.87 20.21
CA ASN A 391 2.76 -10.17 19.72
C ASN A 391 2.93 -8.86 20.48
N CYS A 392 1.82 -8.32 21.02
CA CYS A 392 1.95 -7.07 21.78
C CYS A 392 2.70 -7.32 23.09
N GLU A 393 2.53 -8.51 23.70
CA GLU A 393 3.32 -8.86 24.87
C GLU A 393 4.80 -8.96 24.51
N LEU A 394 5.10 -9.66 23.40
CA LEU A 394 6.51 -9.84 22.99
C LEU A 394 7.14 -8.49 22.68
N PHE A 395 6.42 -7.62 21.95
CA PHE A 395 6.92 -6.28 21.67
C PHE A 395 7.23 -5.49 22.95
N GLU A 396 6.32 -5.51 23.93
CA GLU A 396 6.54 -4.72 25.15
C GLU A 396 7.85 -5.13 25.84
N GLN A 397 8.16 -6.43 25.79
CA GLN A 397 9.36 -7.00 26.39
C GLN A 397 10.62 -6.64 25.59
N LEU A 398 10.58 -6.75 24.25
CA LEU A 398 11.82 -6.69 23.45
C LEU A 398 12.17 -5.31 22.91
N GLY A 399 11.16 -4.47 22.60
CA GLY A 399 11.39 -3.26 21.84
C GLY A 399 11.42 -3.56 20.33
N GLU A 400 11.39 -2.50 19.52
CA GLU A 400 11.10 -2.68 18.08
C GLU A 400 12.22 -3.46 17.35
N TYR A 401 13.50 -3.15 17.62
CA TYR A 401 14.57 -3.82 16.87
C TYR A 401 14.61 -5.33 17.14
N LYS A 402 14.50 -5.72 18.40
CA LYS A 402 14.60 -7.15 18.72
C LYS A 402 13.28 -7.87 18.39
N PHE A 403 12.15 -7.15 18.40
CA PHE A 403 10.88 -7.74 17.85
C PHE A 403 11.02 -8.05 16.33
N GLN A 404 11.48 -7.06 15.54
CA GLN A 404 11.85 -7.29 14.13
C GLN A 404 12.71 -8.54 13.96
N ASN A 405 13.82 -8.68 14.74
CA ASN A 405 14.70 -9.85 14.54
C ASN A 405 13.99 -11.17 14.85
N ALA A 406 13.02 -11.15 15.80
CA ALA A 406 12.24 -12.35 16.09
C ALA A 406 11.38 -12.72 14.88
N LEU A 407 10.77 -11.71 14.24
CA LEU A 407 9.88 -11.99 13.09
C LEU A 407 10.71 -12.39 11.87
N LEU A 408 11.93 -11.86 11.77
CA LEU A 408 12.80 -12.18 10.63
C LEU A 408 13.23 -13.65 10.60
N VAL A 409 13.68 -14.19 11.74
CA VAL A 409 14.05 -15.61 11.79
C VAL A 409 12.83 -16.51 11.52
N ARG A 410 11.67 -16.13 12.07
CA ARG A 410 10.42 -16.88 11.80
C ARG A 410 10.07 -16.94 10.30
N TYR A 411 10.02 -15.80 9.62
CA TYR A 411 9.61 -15.80 8.23
C TYR A 411 10.70 -16.37 7.31
N THR A 412 11.98 -16.23 7.65
CA THR A 412 13.04 -16.83 6.83
C THR A 412 12.95 -18.34 6.86
N LYS A 413 12.60 -18.91 8.04
CA LYS A 413 12.44 -20.36 8.11
C LYS A 413 11.15 -20.86 7.42
N LYS A 414 10.09 -20.03 7.28
CA LYS A 414 8.88 -20.45 6.53
C LYS A 414 9.16 -20.48 5.02
N VAL A 415 9.84 -19.45 4.48
CA VAL A 415 10.07 -19.27 3.03
C VAL A 415 11.54 -18.89 2.69
N PRO A 416 12.48 -19.80 2.93
CA PRO A 416 13.92 -19.46 2.79
C PRO A 416 14.43 -19.27 1.35
N GLN A 417 13.63 -19.57 0.34
CA GLN A 417 14.03 -19.29 -1.04
C GLN A 417 13.91 -17.81 -1.38
N VAL A 418 13.10 -17.03 -0.61
CA VAL A 418 12.89 -15.61 -0.95
C VAL A 418 14.23 -14.83 -0.81
N SER A 419 14.41 -13.76 -1.61
CA SER A 419 15.71 -13.03 -1.64
C SER A 419 15.97 -12.32 -0.31
N THR A 420 17.25 -12.16 0.05
CA THR A 420 17.57 -11.54 1.35
C THR A 420 17.10 -10.10 1.42
N PRO A 421 17.26 -9.24 0.40
CA PRO A 421 16.74 -7.86 0.54
C PRO A 421 15.24 -7.81 0.77
N THR A 422 14.50 -8.70 0.08
CA THR A 422 13.02 -8.73 0.30
C THR A 422 12.67 -9.23 1.70
N LEU A 423 13.37 -10.26 2.22
CA LEU A 423 13.06 -10.70 3.61
C LEU A 423 13.35 -9.62 4.67
N VAL A 424 14.46 -8.85 4.53
CA VAL A 424 14.79 -7.79 5.50
C VAL A 424 13.76 -6.67 5.45
N GLU A 425 13.35 -6.25 4.24
CA GLU A 425 12.43 -5.15 4.08
C GLU A 425 11.03 -5.50 4.65
N VAL A 426 10.49 -6.69 4.29
CA VAL A 426 9.13 -7.11 4.78
C VAL A 426 9.13 -7.32 6.31
N SER A 427 10.17 -8.01 6.82
CA SER A 427 10.28 -8.27 8.25
C SER A 427 10.41 -6.97 9.06
N ARG A 428 11.22 -6.01 8.62
CA ARG A 428 11.24 -4.70 9.31
C ARG A 428 9.84 -4.07 9.33
N ASN A 429 9.10 -4.15 8.20
CA ASN A 429 7.74 -3.53 8.19
C ASN A 429 6.74 -4.32 9.04
N LEU A 430 6.83 -5.67 9.10
CA LEU A 430 5.97 -6.44 10.01
C LEU A 430 6.16 -6.00 11.47
N GLY A 431 7.42 -5.77 11.89
CA GLY A 431 7.70 -5.33 13.26
C GLY A 431 7.24 -3.91 13.62
N LYS A 432 6.99 -3.06 12.64
CA LYS A 432 6.50 -1.74 12.99
C LYS A 432 5.05 -1.79 13.51
N VAL A 433 4.42 -2.96 13.43
CA VAL A 433 3.00 -3.01 13.87
C VAL A 433 2.93 -2.83 15.39
N GLY A 434 3.99 -3.24 16.11
CA GLY A 434 4.07 -3.00 17.55
C GLY A 434 3.97 -1.54 17.95
N SER A 435 4.87 -0.70 17.43
CA SER A 435 4.82 0.71 17.80
C SER A 435 3.53 1.37 17.33
N LYS A 436 2.93 0.84 16.26
CA LYS A 436 1.77 1.49 15.65
C LYS A 436 0.49 1.14 16.39
N CYS A 437 0.34 -0.11 16.85
CA CYS A 437 -0.99 -0.53 17.32
C CYS A 437 -1.06 -0.95 18.79
N CYS A 438 0.07 -1.27 19.42
CA CYS A 438 -0.01 -1.89 20.74
C CYS A 438 -0.37 -0.91 21.86
N LYS A 439 -0.26 0.39 21.60
CA LYS A 439 -0.66 1.44 22.53
C LYS A 439 -2.18 1.59 22.63
N HIS A 440 -2.93 1.11 21.63
CA HIS A 440 -4.39 1.15 21.69
C HIS A 440 -4.93 0.13 22.71
N PRO A 441 -6.10 0.39 23.30
CA PRO A 441 -6.76 -0.65 24.11
C PRO A 441 -7.10 -1.88 23.27
N GLU A 442 -7.27 -3.02 23.95
CA GLU A 442 -7.70 -4.28 23.36
C GLU A 442 -8.64 -4.14 22.17
N ALA A 443 -9.71 -3.34 22.35
CA ALA A 443 -10.79 -3.30 21.38
C ALA A 443 -10.38 -2.64 20.08
N LYS A 444 -9.46 -1.67 20.11
CA LYS A 444 -9.06 -0.99 18.88
C LYS A 444 -7.85 -1.64 18.24
N ARG A 445 -7.38 -2.74 18.80
CA ARG A 445 -6.16 -3.30 18.24
C ARG A 445 -6.40 -4.03 16.94
N MET A 446 -7.54 -4.74 16.78
CA MET A 446 -7.63 -5.71 15.68
C MET A 446 -7.71 -4.98 14.35
N PRO A 447 -8.49 -3.92 14.20
CA PRO A 447 -8.53 -3.29 12.87
C PRO A 447 -7.20 -2.70 12.50
N CYS A 448 -6.57 -2.01 13.47
CA CYS A 448 -5.26 -1.40 13.28
C CYS A 448 -4.27 -2.47 12.82
N ALA A 449 -4.12 -3.54 13.59
CA ALA A 449 -3.02 -4.50 13.33
C ALA A 449 -3.28 -5.39 12.11
N GLU A 450 -4.51 -5.95 11.99
CA GLU A 450 -4.69 -6.94 10.94
C GLU A 450 -4.80 -6.29 9.59
N ASP A 451 -5.36 -5.08 9.51
CA ASP A 451 -5.40 -4.42 8.18
C ASP A 451 -4.01 -3.91 7.80
N TYR A 452 -3.18 -3.51 8.78
CA TYR A 452 -1.78 -3.16 8.46
C TYR A 452 -1.00 -4.38 7.97
N LEU A 453 -1.14 -5.51 8.64
CA LEU A 453 -0.45 -6.73 8.19
C LEU A 453 -0.87 -7.13 6.77
N SER A 454 -2.17 -6.89 6.39
CA SER A 454 -2.57 -7.10 4.99
C SER A 454 -1.79 -6.25 3.97
N VAL A 455 -1.57 -4.95 4.27
CA VAL A 455 -0.74 -4.08 3.43
C VAL A 455 0.69 -4.63 3.30
N VAL A 456 1.30 -5.04 4.41
CA VAL A 456 2.74 -5.49 4.32
C VAL A 456 2.85 -6.82 3.59
N LEU A 457 1.89 -7.72 3.77
CA LEU A 457 1.99 -9.01 3.07
C LEU A 457 1.74 -8.84 1.57
N ASN A 458 0.93 -7.83 1.17
CA ASN A 458 0.79 -7.53 -0.26
C ASN A 458 2.11 -7.05 -0.85
N GLN A 459 2.89 -6.31 -0.05
CA GLN A 459 4.26 -5.93 -0.50
C GLN A 459 5.08 -7.17 -0.81
N LEU A 460 5.11 -8.14 0.11
CA LEU A 460 5.82 -9.41 -0.17
C LEU A 460 5.30 -10.07 -1.48
N CYS A 461 3.99 -10.13 -1.67
CA CYS A 461 3.41 -10.74 -2.88
C CYS A 461 3.88 -10.02 -4.17
N VAL A 462 3.85 -8.69 -4.21
CA VAL A 462 4.17 -8.03 -5.49
C VAL A 462 5.70 -7.94 -5.69
N LEU A 463 6.52 -7.87 -4.61
CA LEU A 463 8.00 -7.95 -4.80
C LEU A 463 8.44 -9.34 -5.26
N HIS A 464 7.71 -10.40 -4.88
CA HIS A 464 8.07 -11.77 -5.31
C HIS A 464 7.53 -12.15 -6.72
N GLU A 465 6.41 -11.58 -7.17
CA GLU A 465 5.85 -11.95 -8.47
C GLU A 465 6.80 -11.65 -9.63
N LYS A 466 7.63 -10.61 -9.51
CA LYS A 466 8.51 -10.21 -10.59
C LYS A 466 9.52 -11.32 -10.93
N THR A 467 9.97 -12.06 -9.89
CA THR A 467 10.99 -13.11 -10.02
C THR A 467 10.64 -14.28 -9.06
N PRO A 468 9.64 -15.10 -9.41
CA PRO A 468 9.15 -16.13 -8.45
C PRO A 468 10.15 -17.25 -8.19
N VAL A 469 10.35 -17.57 -6.91
CA VAL A 469 11.28 -18.57 -6.39
C VAL A 469 10.72 -19.50 -5.33
N SER A 470 9.68 -19.05 -4.57
CA SER A 470 9.03 -19.82 -3.50
C SER A 470 7.62 -20.22 -3.92
N ASP A 471 7.39 -21.54 -4.09
CA ASP A 471 6.04 -22.01 -4.41
C ASP A 471 5.05 -21.69 -3.29
N ARG A 472 5.51 -21.62 -2.02
CA ARG A 472 4.56 -21.40 -0.94
C ARG A 472 4.12 -19.92 -0.90
N VAL A 473 5.01 -18.97 -1.22
CA VAL A 473 4.56 -17.58 -1.40
C VAL A 473 3.55 -17.48 -2.54
N THR A 474 3.86 -18.07 -3.71
CA THR A 474 2.92 -17.96 -4.84
C THR A 474 1.52 -18.48 -4.46
N LYS A 475 1.46 -19.61 -3.75
CA LYS A 475 0.16 -20.19 -3.36
C LYS A 475 -0.60 -19.27 -2.39
N CYS A 476 0.05 -18.83 -1.30
CA CYS A 476 -0.65 -17.95 -0.34
C CYS A 476 -1.12 -16.63 -0.97
N CYS A 477 -0.38 -16.11 -1.97
CA CYS A 477 -0.73 -14.85 -2.62
C CYS A 477 -1.82 -14.99 -3.70
N THR A 478 -2.03 -16.18 -4.25
CA THR A 478 -2.99 -16.29 -5.34
C THR A 478 -4.33 -16.90 -4.91
N GLU A 479 -4.36 -17.62 -3.81
CA GLU A 479 -5.54 -18.44 -3.48
C GLU A 479 -6.74 -17.61 -3.00
N SER A 480 -6.54 -16.64 -2.13
CA SER A 480 -7.69 -15.92 -1.55
C SER A 480 -7.23 -14.64 -0.94
N LEU A 481 -7.67 -13.50 -1.46
CA LEU A 481 -7.14 -12.22 -0.97
C LEU A 481 -7.39 -12.06 0.53
N VAL A 482 -8.59 -12.42 0.98
CA VAL A 482 -9.00 -12.21 2.40
C VAL A 482 -8.26 -13.17 3.34
N ASN A 483 -7.93 -14.39 2.88
CA ASN A 483 -7.30 -15.38 3.72
C ASN A 483 -5.75 -15.31 3.73
N ARG A 484 -5.13 -14.27 3.14
CA ARG A 484 -3.64 -14.24 3.04
C ARG A 484 -2.94 -14.28 4.41
N ARG A 485 -3.40 -13.42 5.34
CA ARG A 485 -2.74 -13.36 6.68
C ARG A 485 -2.84 -14.74 7.37
N PRO A 486 -4.02 -15.36 7.58
CA PRO A 486 -4.03 -16.73 8.16
C PRO A 486 -3.24 -17.77 7.38
N CYS A 487 -3.14 -17.65 6.03
CA CYS A 487 -2.36 -18.61 5.22
C CYS A 487 -0.86 -18.53 5.55
N PHE A 488 -0.33 -17.30 5.65
CA PHE A 488 1.11 -17.13 5.99
C PHE A 488 1.35 -17.58 7.43
N SER A 489 0.46 -17.23 8.37
CA SER A 489 0.71 -17.57 9.77
C SER A 489 0.74 -19.08 9.97
N ALA A 490 -0.02 -19.82 9.14
CA ALA A 490 -0.09 -21.28 9.24
C ALA A 490 1.10 -22.05 8.66
N LEU A 491 1.96 -21.42 7.85
CA LEU A 491 3.08 -22.14 7.28
C LEU A 491 4.05 -22.63 8.36
N GLU A 492 4.43 -23.91 8.28
CA GLU A 492 5.42 -24.45 9.22
C GLU A 492 6.84 -24.27 8.67
N VAL A 493 7.83 -24.60 9.51
CA VAL A 493 9.22 -24.59 9.03
C VAL A 493 9.37 -25.46 7.77
N ASP A 494 10.18 -25.00 6.80
CA ASP A 494 10.40 -25.75 5.56
C ASP A 494 11.52 -26.76 5.79
N GLU A 495 11.19 -28.07 5.74
CA GLU A 495 12.15 -29.14 5.94
C GLU A 495 12.84 -29.61 4.66
N THR A 496 12.31 -29.23 3.50
CA THR A 496 12.91 -29.60 2.21
C THR A 496 14.04 -28.70 1.76
N TYR A 497 14.33 -27.60 2.46
CA TYR A 497 15.31 -26.62 1.99
C TYR A 497 16.73 -27.11 2.23
N VAL A 498 17.59 -27.01 1.22
CA VAL A 498 18.99 -27.43 1.31
C VAL A 498 19.83 -26.23 1.76
N PRO A 499 20.66 -26.39 2.79
CA PRO A 499 21.46 -25.26 3.31
C PRO A 499 22.28 -24.59 2.20
N LYS A 500 22.33 -23.26 2.25
CA LYS A 500 23.10 -22.45 1.31
C LYS A 500 24.60 -22.50 1.67
N GLU A 501 25.46 -22.69 0.68
CA GLU A 501 26.88 -22.77 1.02
C GLU A 501 27.44 -21.37 1.25
N PHE A 502 28.51 -21.30 2.04
CA PHE A 502 29.09 -20.02 2.41
C PHE A 502 29.66 -19.31 1.18
N ASN A 503 29.43 -18.01 1.08
CA ASN A 503 29.92 -17.28 -0.08
C ASN A 503 31.16 -16.45 0.27
N ALA A 504 30.96 -15.29 0.91
CA ALA A 504 31.97 -14.32 1.41
C ALA A 504 31.83 -12.93 0.79
N GLU A 505 31.28 -12.81 -0.44
CA GLU A 505 31.17 -11.49 -1.06
C GLU A 505 30.22 -10.57 -0.29
N THR A 506 29.27 -11.13 0.49
CA THR A 506 28.41 -10.30 1.33
C THR A 506 29.21 -9.43 2.28
N PHE A 507 30.38 -9.93 2.71
CA PHE A 507 31.09 -9.32 3.83
C PHE A 507 32.38 -8.61 3.39
N THR A 508 32.52 -8.26 2.11
CA THR A 508 33.73 -7.51 1.70
C THR A 508 33.77 -6.11 2.35
N PHE A 509 34.95 -5.68 2.79
CA PHE A 509 35.06 -4.39 3.44
C PHE A 509 34.61 -3.24 2.52
N HIS A 510 33.88 -2.27 3.12
CA HIS A 510 33.58 -0.96 2.53
C HIS A 510 33.77 0.10 3.62
N ALA A 511 34.37 1.25 3.26
CA ALA A 511 34.67 2.28 4.25
C ALA A 511 33.43 2.77 5.03
N ASP A 512 32.25 2.75 4.42
CA ASP A 512 31.09 3.31 5.12
C ASP A 512 30.72 2.51 6.38
N ILE A 513 31.13 1.24 6.51
CA ILE A 513 30.60 0.46 7.62
C ILE A 513 31.12 0.90 8.99
N CYS A 514 32.17 1.73 9.05
CA CYS A 514 32.65 2.24 10.33
C CYS A 514 32.01 3.57 10.75
N THR A 515 31.11 4.15 9.95
CA THR A 515 30.45 5.42 10.32
C THR A 515 28.93 5.34 10.05
N LEU A 516 28.30 4.25 10.46
CA LEU A 516 26.89 4.03 10.17
C LEU A 516 26.02 4.75 11.18
N SER A 517 24.84 5.22 10.73
CA SER A 517 23.80 5.64 11.65
C SER A 517 23.17 4.43 12.35
N GLU A 518 22.32 4.67 13.36
CA GLU A 518 21.69 3.54 14.07
C GLU A 518 20.83 2.72 13.12
N LYS A 519 20.07 3.37 12.23
CA LYS A 519 19.20 2.63 11.31
C LYS A 519 20.02 1.76 10.34
N GLU A 520 21.08 2.34 9.77
CA GLU A 520 21.96 1.61 8.86
C GLU A 520 22.63 0.44 9.57
N ARG A 521 23.04 0.62 10.83
CA ARG A 521 23.64 -0.49 11.58
C ARG A 521 22.67 -1.67 11.75
N GLN A 522 21.41 -1.40 12.11
CA GLN A 522 20.42 -2.49 12.22
C GLN A 522 20.22 -3.23 10.90
N ILE A 523 20.14 -2.50 9.78
CA ILE A 523 19.91 -3.15 8.49
C ILE A 523 21.08 -4.05 8.15
N LYS A 524 22.32 -3.63 8.44
CA LYS A 524 23.41 -4.56 8.18
C LYS A 524 23.32 -5.82 9.03
N LYS A 525 23.05 -5.68 10.34
CA LYS A 525 23.00 -6.89 11.15
C LYS A 525 21.86 -7.83 10.71
N GLN A 526 20.71 -7.26 10.30
CA GLN A 526 19.56 -8.07 9.91
C GLN A 526 19.82 -8.82 8.60
N THR A 527 20.60 -8.19 7.70
CA THR A 527 21.10 -8.86 6.50
C THR A 527 21.99 -10.05 6.86
N ALA A 528 23.01 -9.84 7.75
CA ALA A 528 23.83 -10.97 8.20
C ALA A 528 23.07 -12.10 8.87
N LEU A 529 22.00 -11.77 9.63
CA LEU A 529 21.21 -12.78 10.34
C LEU A 529 20.41 -13.66 9.33
N VAL A 530 19.87 -13.04 8.29
CA VAL A 530 19.15 -13.82 7.25
C VAL A 530 20.13 -14.77 6.54
N GLU A 531 21.33 -14.28 6.20
CA GLU A 531 22.30 -15.17 5.55
C GLU A 531 22.73 -16.34 6.45
N LEU A 532 22.97 -16.07 7.77
CA LEU A 532 23.32 -17.12 8.73
C LEU A 532 22.21 -18.19 8.81
N VAL A 533 20.95 -17.78 8.89
CA VAL A 533 19.86 -18.78 8.96
C VAL A 533 19.81 -19.65 7.69
N LYS A 534 19.98 -19.04 6.50
CA LYS A 534 20.02 -19.79 5.22
C LYS A 534 21.17 -20.81 5.17
N HIS A 535 22.33 -20.46 5.76
CA HIS A 535 23.51 -21.33 5.79
C HIS A 535 23.38 -22.43 6.86
N LYS A 536 22.73 -22.17 8.02
CA LYS A 536 22.64 -23.10 9.14
C LYS A 536 21.18 -23.22 9.59
N PRO A 537 20.31 -23.80 8.75
CA PRO A 537 18.86 -23.74 9.03
C PRO A 537 18.40 -24.48 10.28
N LYS A 538 19.23 -25.27 10.95
CA LYS A 538 18.75 -25.90 12.16
C LYS A 538 19.60 -25.58 13.40
N ALA A 539 20.33 -24.46 13.36
CA ALA A 539 20.98 -23.99 14.57
C ALA A 539 19.93 -23.43 15.54
N THR A 540 20.19 -23.57 16.84
CA THR A 540 19.29 -23.08 17.87
C THR A 540 19.44 -21.57 18.07
N LYS A 541 18.49 -21.03 18.82
CA LYS A 541 18.49 -19.61 19.17
C LYS A 541 19.79 -19.20 19.86
N GLU A 542 20.29 -20.04 20.78
CA GLU A 542 21.52 -19.69 21.47
C GLU A 542 22.75 -19.80 20.56
N GLN A 543 22.74 -20.75 19.61
CA GLN A 543 23.85 -20.88 18.67
C GLN A 543 23.89 -19.69 17.70
N LEU A 544 22.73 -19.25 17.21
CA LEU A 544 22.69 -18.07 16.34
C LEU A 544 23.26 -16.83 17.05
N LYS A 545 22.91 -16.64 18.33
CA LYS A 545 23.35 -15.47 19.08
C LYS A 545 24.86 -15.47 19.24
N ALA A 546 25.43 -16.62 19.56
CA ALA A 546 26.88 -16.67 19.83
C ALA A 546 27.70 -16.32 18.59
N VAL A 547 27.29 -16.85 17.42
CA VAL A 547 27.96 -16.51 16.15
C VAL A 547 27.78 -15.03 15.81
N MET A 548 26.52 -14.54 15.89
CA MET A 548 26.29 -13.12 15.59
C MET A 548 27.13 -12.18 16.49
N ASP A 549 27.16 -12.45 17.81
CA ASP A 549 27.90 -11.58 18.76
C ASP A 549 29.41 -11.58 18.45
N ASP A 550 29.93 -12.74 18.06
CA ASP A 550 31.36 -12.87 17.70
C ASP A 550 31.72 -12.11 16.42
N PHE A 551 30.89 -12.22 15.36
CA PHE A 551 31.14 -11.45 14.15
C PHE A 551 31.01 -9.92 14.39
N ALA A 552 30.03 -9.47 15.20
CA ALA A 552 29.93 -8.04 15.46
C ALA A 552 31.14 -7.51 16.25
N ALA A 553 31.73 -8.32 17.14
CA ALA A 553 32.95 -7.90 17.84
C ALA A 553 34.16 -7.82 16.90
N PHE A 554 34.24 -8.71 15.92
CA PHE A 554 35.28 -8.64 14.88
C PHE A 554 35.19 -7.32 14.09
N VAL A 555 33.99 -6.91 13.69
CA VAL A 555 33.84 -5.65 12.95
C VAL A 555 34.26 -4.47 13.82
N GLU A 556 33.83 -4.46 15.09
CA GLU A 556 34.22 -3.44 16.07
C GLU A 556 35.73 -3.26 16.15
N LYS A 557 36.48 -4.35 16.26
CA LYS A 557 37.96 -4.20 16.47
C LYS A 557 38.63 -3.71 15.19
N CYS A 558 38.24 -4.23 14.02
CA CYS A 558 38.93 -3.82 12.79
C CYS A 558 38.59 -2.38 12.42
N CYS A 559 37.41 -1.88 12.84
CA CYS A 559 37.14 -0.47 12.59
C CYS A 559 38.02 0.48 13.39
N LYS A 560 38.72 0.03 14.44
CA LYS A 560 39.68 0.83 15.18
C LYS A 560 41.14 0.68 14.80
N ALA A 561 41.46 -0.32 13.99
CA ALA A 561 42.85 -0.65 13.73
C ALA A 561 43.51 0.42 12.86
N ASP A 562 44.86 0.41 12.87
CA ASP A 562 45.60 1.44 12.15
C ASP A 562 45.45 1.32 10.64
N ASP A 563 45.29 0.07 10.16
CA ASP A 563 44.98 -0.18 8.73
C ASP A 563 43.71 -1.02 8.71
N LYS A 564 42.56 -0.41 8.40
CA LYS A 564 41.28 -1.12 8.47
C LYS A 564 41.18 -2.25 7.45
N GLU A 565 41.48 -1.92 6.17
CA GLU A 565 41.34 -2.94 5.13
C GLU A 565 42.16 -4.16 5.46
N THR A 566 43.35 -3.94 6.04
CA THR A 566 44.25 -5.06 6.29
C THR A 566 43.69 -5.96 7.38
N CYS A 567 43.23 -5.35 8.47
CA CYS A 567 42.60 -6.11 9.56
C CYS A 567 41.41 -6.93 9.06
N PHE A 568 40.49 -6.30 8.29
CA PHE A 568 39.35 -7.04 7.77
C PHE A 568 39.79 -8.20 6.88
N ALA A 569 40.77 -7.96 6.00
CA ALA A 569 41.25 -9.04 5.16
C ALA A 569 42.05 -10.06 5.96
N GLU A 570 42.90 -9.59 6.88
CA GLU A 570 43.75 -10.49 7.66
C GLU A 570 42.91 -11.33 8.62
N GLU A 571 42.05 -10.69 9.41
CA GLU A 571 41.24 -11.43 10.37
C GLU A 571 40.07 -12.14 9.69
N GLY A 572 39.63 -11.64 8.53
CA GLY A 572 38.52 -12.26 7.84
C GLY A 572 38.88 -13.62 7.28
N LYS A 573 40.08 -13.76 6.70
CA LYS A 573 40.50 -15.04 6.15
C LYS A 573 40.68 -16.10 7.24
N LYS A 574 40.79 -15.66 8.50
CA LYS A 574 40.89 -16.62 9.64
C LYS A 574 39.49 -17.13 9.97
N LEU A 575 38.49 -16.26 9.96
CA LEU A 575 37.08 -16.66 10.22
C LEU A 575 36.59 -17.57 9.09
C1 T44 B . 5.59 -16.06 19.30
C2 T44 B . 4.37 -15.40 19.17
C3 T44 B . 4.16 -14.46 18.16
C4 T44 B . 5.19 -14.19 17.26
C5 T44 B . 6.42 -14.83 17.40
C6 T44 B . 6.63 -15.78 18.40
C7 T44 B . 5.79 -17.09 20.42
CA T44 B . 5.65 -16.43 21.79
C T44 B . 4.50 -17.07 22.58
C1' T44 B . 4.34 -13.68 15.05
C2' T44 B . 3.84 -12.74 14.15
C3' T44 B . 3.18 -13.13 13.00
C4' T44 B . 3.01 -14.48 12.72
C5' T44 B . 3.50 -15.43 13.60
C6' T44 B . 4.16 -15.03 14.77
N T44 B . 6.90 -16.59 22.52
O4 T44 B . 5.01 -13.24 16.22
O4' T44 B . 2.34 -14.84 11.52
O T44 B . 4.60 -18.27 22.97
OXT T44 B . 3.44 -16.41 22.86
I3 T44 B . 2.26 -13.49 18.02
I3' T44 B . 2.39 -11.79 11.55
I5 T44 B . 7.98 -14.39 16.02
I5' T44 B . 3.25 -17.50 13.18
C1 T44 C . 29.41 -5.11 4.44
C2 T44 C . 28.13 -5.61 4.77
C3 T44 C . 28.03 -6.51 5.82
C4 T44 C . 29.04 -6.88 6.64
C5 T44 C . 30.29 -6.38 6.34
C6 T44 C . 30.47 -5.52 5.26
C7 T44 C . 29.65 -4.10 3.30
CA T44 C . 29.21 -4.56 1.88
C T44 C . 29.35 -3.37 0.90
C1' T44 C . 28.44 -7.18 8.90
C2' T44 C . 28.55 -5.80 9.11
C3' T44 C . 28.14 -5.35 10.40
C4' T44 C . 27.77 -6.28 11.37
C5' T44 C . 27.69 -7.67 11.16
C6' T44 C . 28.06 -8.10 9.87
N T44 C . 29.98 -5.75 1.50
O4 T44 C . 28.78 -7.80 7.65
O4' T44 C . 27.44 -5.80 12.70
O T44 C . 30.28 -3.38 0.01
OXT T44 C . 28.58 -2.33 1.00
I3 T44 C . 26.07 -7.21 6.28
I3' T44 C . 28.05 -3.22 10.92
I5 T44 C . 32.13 -6.80 7.38
I5' T44 C . 26.98 -9.16 12.54
C1 T44 D . 32.23 -20.14 7.52
C2 T44 D . 31.23 -20.56 8.41
C3 T44 D . 30.65 -19.64 9.28
C4 T44 D . 31.03 -18.29 9.24
C5 T44 D . 32.02 -17.87 8.35
C6 T44 D . 32.62 -18.81 7.48
C7 T44 D . 32.85 -21.15 6.55
CA T44 D . 33.60 -22.29 7.24
C T44 D . 34.22 -23.18 6.17
C1' T44 D . 29.24 -16.72 9.54
C2' T44 D . 28.63 -15.68 10.27
C3' T44 D . 27.51 -14.98 9.81
C4' T44 D . 26.96 -15.31 8.58
C5' T44 D . 27.53 -16.34 7.83
C6' T44 D . 28.66 -17.04 8.29
N T44 D . 34.61 -21.72 8.14
O4 T44 D . 30.40 -17.36 10.11
O4' T44 D . 25.84 -14.59 8.06
O T44 D . 33.52 -23.99 5.49
OXT T44 D . 35.47 -23.10 5.95
I3 T44 D . 29.15 -20.30 10.67
I3' T44 D . 26.74 -13.47 11.05
I5 T44 D . 32.68 -15.83 8.29
I5' T44 D . 26.68 -16.87 5.96
#